data_6MBD
#
_entry.id   6MBD
#
_cell.length_a   64.792
_cell.length_b   69.733
_cell.length_c   84.853
_cell.angle_alpha   90.000
_cell.angle_beta   90.000
_cell.angle_gamma   90.000
#
_symmetry.space_group_name_H-M   'P 21 21 21'
#
loop_
_entity.id
_entity.type
_entity.pdbx_description
1 polymer 'Induced myeloid leukemia cell differentiation protein Mcl-1'
2 polymer dM1
3 non-polymer 'ZINC ION'
4 water water
#
loop_
_entity_poly.entity_id
_entity_poly.type
_entity_poly.pdbx_seq_one_letter_code
_entity_poly.pdbx_strand_id
1 'polypeptide(L)'
;GSDELYRQSLEIISRYLREQATGAKDTKPMGRSGATSRKALETLRRVGDGVQRNHETAFQGMLRKLDIKNEDDVKSLSRV
MIHVFSDGVTNWGRIVTLISFGAFVAKHLKTINQESCIEPLAESITDVLVRTKRDWLVKQRGWDGFVEFFHVEDL
;
A,B
2 'polypeptide(L)' (ACE)APKEKEVAETLRKIGEEINEALK(NH2) C,D
#
loop_
_chem_comp.id
_chem_comp.type
_chem_comp.name
_chem_comp.formula
ACE non-polymer 'ACETYL GROUP' 'C2 H4 O'
NH2 non-polymer 'AMINO GROUP' 'H2 N'
ZN non-polymer 'ZINC ION' 'Zn 2'
#
# COMPACT_ATOMS: atom_id res chain seq x y z
N GLY A 1 7.22 -23.77 -4.66
CA GLY A 1 6.78 -22.79 -3.70
C GLY A 1 5.33 -22.42 -3.95
N SER A 2 4.78 -21.59 -3.08
CA SER A 2 3.41 -21.15 -3.26
C SER A 2 3.17 -19.96 -2.35
N ASP A 3 2.07 -19.27 -2.60
CA ASP A 3 1.65 -18.15 -1.76
C ASP A 3 0.47 -18.62 -0.93
N GLU A 4 0.77 -19.29 0.18
CA GLU A 4 -0.26 -19.87 1.02
C GLU A 4 -1.01 -18.79 1.80
N LEU A 5 -0.34 -17.72 2.21
CA LEU A 5 -1.04 -16.63 2.90
C LEU A 5 -2.10 -16.01 1.99
N TYR A 6 -1.77 -15.76 0.73
CA TYR A 6 -2.78 -15.25 -0.19
C TYR A 6 -3.89 -16.28 -0.39
N ARG A 7 -3.53 -17.52 -0.67
CA ARG A 7 -4.56 -18.54 -0.85
C ARG A 7 -5.50 -18.60 0.35
N GLN A 8 -4.94 -18.75 1.56
CA GLN A 8 -5.76 -18.86 2.76
C GLN A 8 -6.61 -17.61 2.97
N SER A 9 -6.04 -16.42 2.75
CA SER A 9 -6.80 -15.18 2.94
C SER A 9 -7.97 -15.07 1.98
N LEU A 10 -7.72 -15.35 0.70
CA LEU A 10 -8.79 -15.28 -0.28
C LEU A 10 -9.91 -16.28 0.05
N GLU A 11 -9.56 -17.45 0.57
CA GLU A 11 -10.58 -18.43 0.89
C GLU A 11 -11.47 -17.95 2.02
N ILE A 12 -10.87 -17.44 3.10
CA ILE A 12 -11.65 -16.93 4.23
C ILE A 12 -12.54 -15.77 3.77
N ILE A 13 -11.94 -14.80 3.06
CA ILE A 13 -12.68 -13.62 2.66
C ILE A 13 -13.75 -13.97 1.64
N SER A 14 -13.43 -14.82 0.65
CA SER A 14 -14.42 -15.20 -0.35
C SER A 14 -15.57 -15.97 0.29
N ARG A 15 -15.25 -16.91 1.18
CA ARG A 15 -16.32 -17.66 1.85
C ARG A 15 -17.27 -16.72 2.59
N TYR A 16 -16.72 -15.78 3.38
CA TYR A 16 -17.59 -14.89 4.15
C TYR A 16 -18.45 -14.04 3.22
N LEU A 17 -17.82 -13.44 2.20
CA LEU A 17 -18.56 -12.60 1.27
C LEU A 17 -19.64 -13.40 0.52
N ARG A 18 -19.33 -14.64 0.11
CA ARG A 18 -20.31 -15.45 -0.60
C ARG A 18 -21.49 -15.81 0.31
N GLU A 19 -21.22 -16.31 1.51
CA GLU A 19 -22.32 -16.72 2.38
C GLU A 19 -23.16 -15.52 2.79
N GLN A 20 -22.52 -14.36 2.99
CA GLN A 20 -23.26 -13.15 3.32
C GLN A 20 -24.15 -12.72 2.15
N ALA A 21 -23.62 -12.81 0.92
CA ALA A 21 -24.40 -12.37 -0.23
C ALA A 21 -25.54 -13.33 -0.54
N THR A 22 -25.30 -14.64 -0.42
CA THR A 22 -26.29 -15.63 -0.81
C THR A 22 -27.17 -16.11 0.34
N GLY A 23 -26.78 -15.82 1.58
CA GLY A 23 -27.50 -16.33 2.72
C GLY A 23 -27.38 -17.81 2.97
N ALA A 24 -26.45 -18.50 2.30
CA ALA A 24 -26.25 -19.93 2.48
C ALA A 24 -24.79 -20.24 2.76
N LYS A 25 -24.55 -21.12 3.74
CA LYS A 25 -23.21 -21.56 4.10
C LYS A 25 -22.68 -22.55 3.06
N ASP A 26 -21.36 -22.51 2.85
CA ASP A 26 -20.67 -23.44 1.96
C ASP A 26 -20.25 -24.67 2.77
N THR A 27 -20.57 -25.87 2.26
CA THR A 27 -20.40 -27.09 3.04
C THR A 27 -19.06 -27.76 2.83
N LYS A 28 -18.47 -27.67 1.64
CA LYS A 28 -17.23 -28.37 1.39
C LYS A 28 -16.16 -27.88 2.39
N PRO A 29 -15.34 -28.77 2.93
CA PRO A 29 -14.36 -28.34 3.93
C PRO A 29 -13.24 -27.51 3.30
N MET A 30 -12.56 -26.77 4.15
CA MET A 30 -11.48 -25.90 3.69
C MET A 30 -10.19 -26.71 3.53
N GLY A 31 -9.23 -26.10 2.83
CA GLY A 31 -8.00 -26.79 2.50
C GLY A 31 -6.92 -26.75 3.57
N ARG A 32 -5.73 -26.34 3.17
CA ARG A 32 -4.59 -26.25 4.07
C ARG A 32 -4.88 -25.28 5.21
N SER A 33 -4.44 -25.66 6.41
CA SER A 33 -4.66 -24.88 7.63
C SER A 33 -6.15 -24.70 7.89
N GLY A 34 -6.91 -25.79 7.72
CA GLY A 34 -8.35 -25.74 7.93
C GLY A 34 -8.74 -25.31 9.33
N ALA A 35 -8.01 -25.77 10.35
CA ALA A 35 -8.33 -25.39 11.72
C ALA A 35 -8.32 -23.89 11.89
N THR A 36 -7.22 -23.23 11.53
CA THR A 36 -7.17 -21.77 11.62
C THR A 36 -8.25 -21.15 10.76
N SER A 37 -8.41 -21.62 9.52
CA SER A 37 -9.34 -20.98 8.61
C SER A 37 -10.77 -21.08 9.11
N ARG A 38 -11.14 -22.21 9.73
CA ARG A 38 -12.47 -22.37 10.28
C ARG A 38 -12.71 -21.40 11.43
N LYS A 39 -11.79 -21.38 12.38
CA LYS A 39 -11.91 -20.44 13.49
C LYS A 39 -11.93 -19.00 12.99
N ALA A 40 -11.06 -18.67 12.03
CA ALA A 40 -11.02 -17.32 11.48
C ALA A 40 -12.36 -16.97 10.84
N LEU A 41 -12.93 -17.91 10.10
CA LEU A 41 -14.21 -17.66 9.44
C LEU A 41 -15.30 -17.49 10.47
N GLU A 42 -15.27 -18.30 11.53
CA GLU A 42 -16.25 -18.15 12.61
C GLU A 42 -16.07 -16.81 13.32
N THR A 43 -14.83 -16.41 13.59
CA THR A 43 -14.58 -15.12 14.22
C THR A 43 -15.10 -13.99 13.35
N LEU A 44 -14.89 -14.09 12.04
CA LEU A 44 -15.36 -13.07 11.11
C LEU A 44 -16.88 -12.99 11.12
N ARG A 45 -17.56 -14.13 11.22
CA ARG A 45 -19.02 -14.13 11.32
C ARG A 45 -19.48 -13.37 12.54
N ARG A 46 -18.91 -13.71 13.71
CA ARG A 46 -19.34 -13.09 14.97
C ARG A 46 -19.02 -11.60 14.99
N VAL A 47 -17.76 -11.24 14.72
CA VAL A 47 -17.36 -9.85 14.77
C VAL A 47 -17.96 -9.09 13.60
N GLY A 48 -17.77 -9.61 12.38
CA GLY A 48 -18.16 -8.89 11.17
C GLY A 48 -19.67 -8.67 11.08
N ASP A 49 -20.47 -9.67 11.47
CA ASP A 49 -21.91 -9.46 11.49
C ASP A 49 -22.26 -8.31 12.44
N GLY A 50 -21.55 -8.19 13.56
CA GLY A 50 -21.81 -7.11 14.49
C GLY A 50 -21.38 -5.76 13.95
N VAL A 51 -20.21 -5.69 13.31
CA VAL A 51 -19.77 -4.44 12.70
C VAL A 51 -20.82 -3.95 11.71
N GLN A 52 -21.33 -4.85 10.87
CA GLN A 52 -22.32 -4.44 9.88
C GLN A 52 -23.60 -3.94 10.55
N ARG A 53 -24.16 -4.74 11.48
CA ARG A 53 -25.37 -4.31 12.20
C ARG A 53 -25.16 -2.98 12.89
N ASN A 54 -24.08 -2.84 13.65
CA ASN A 54 -23.88 -1.66 14.48
C ASN A 54 -23.48 -0.42 13.70
N HIS A 55 -23.15 -0.57 12.41
CA HIS A 55 -22.77 0.59 11.60
C HIS A 55 -23.52 0.62 10.29
N GLU A 56 -24.71 0.02 10.26
CA GLU A 56 -25.39 -0.18 9.00
C GLU A 56 -25.80 1.14 8.34
N THR A 57 -26.15 2.16 9.14
CA THR A 57 -26.50 3.44 8.53
C THR A 57 -25.28 4.08 7.89
N ALA A 58 -24.13 4.07 8.58
CA ALA A 58 -22.92 4.61 7.97
C ALA A 58 -22.52 3.78 6.75
N PHE A 59 -22.70 2.45 6.82
CA PHE A 59 -22.36 1.61 5.69
C PHE A 59 -23.23 1.94 4.47
N GLN A 60 -24.54 2.14 4.69
CA GLN A 60 -25.41 2.55 3.60
C GLN A 60 -24.96 3.89 3.02
N GLY A 61 -24.61 4.84 3.88
CA GLY A 61 -24.09 6.11 3.39
C GLY A 61 -22.86 5.93 2.52
N MET A 62 -21.94 5.07 2.95
CA MET A 62 -20.72 4.85 2.17
C MET A 62 -21.04 4.21 0.83
N LEU A 63 -21.94 3.24 0.82
CA LEU A 63 -22.38 2.64 -0.43
C LEU A 63 -22.90 3.69 -1.39
N ARG A 64 -23.72 4.61 -0.89
CA ARG A 64 -24.26 5.68 -1.71
C ARG A 64 -23.14 6.54 -2.30
N LYS A 65 -22.13 6.88 -1.49
CA LYS A 65 -21.05 7.71 -1.99
C LYS A 65 -20.23 6.97 -3.04
N LEU A 66 -20.04 5.66 -2.89
CA LEU A 66 -19.23 4.92 -3.85
C LEU A 66 -20.00 4.61 -5.13
N ASP A 67 -21.31 4.46 -5.03
CA ASP A 67 -22.17 4.15 -6.16
C ASP A 67 -21.55 3.02 -7.00
N ILE A 68 -21.53 1.84 -6.39
CA ILE A 68 -20.93 0.67 -7.03
C ILE A 68 -21.93 0.10 -8.01
N LYS A 69 -21.58 0.11 -9.30
CA LYS A 69 -22.54 -0.19 -10.35
C LYS A 69 -22.67 -1.67 -10.69
N ASN A 70 -21.64 -2.47 -10.47
CA ASN A 70 -21.69 -3.88 -10.82
C ASN A 70 -20.54 -4.60 -10.14
N GLU A 71 -20.47 -5.91 -10.34
CA GLU A 71 -19.51 -6.74 -9.63
C GLU A 71 -18.07 -6.40 -9.99
N ASP A 72 -17.82 -5.80 -11.15
CA ASP A 72 -16.46 -5.44 -11.54
C ASP A 72 -16.09 -4.03 -11.13
N ASP A 73 -16.99 -3.30 -10.50
CA ASP A 73 -16.77 -1.87 -10.24
C ASP A 73 -16.18 -1.67 -8.84
N VAL A 74 -14.94 -2.11 -8.70
CA VAL A 74 -14.26 -2.19 -7.41
C VAL A 74 -13.00 -1.36 -7.34
N LYS A 75 -12.69 -0.58 -8.38
CA LYS A 75 -11.48 0.22 -8.36
C LYS A 75 -11.55 1.31 -7.28
N SER A 76 -12.68 2.02 -7.17
CA SER A 76 -12.77 3.04 -6.14
C SER A 76 -12.63 2.42 -4.75
N LEU A 77 -13.31 1.28 -4.52
CA LEU A 77 -13.17 0.59 -3.24
C LEU A 77 -11.71 0.25 -2.96
N SER A 78 -10.98 -0.23 -3.97
N SER A 78 -10.98 -0.23 -3.97
CA SER A 78 -9.58 -0.51 -3.78
CA SER A 78 -9.56 -0.51 -3.76
C SER A 78 -8.83 0.74 -3.35
C SER A 78 -8.84 0.75 -3.33
N ARG A 79 -9.13 1.88 -3.99
CA ARG A 79 -8.47 3.12 -3.62
C ARG A 79 -8.81 3.52 -2.20
N VAL A 80 -10.05 3.30 -1.79
CA VAL A 80 -10.50 3.61 -0.44
C VAL A 80 -9.70 2.81 0.58
N MET A 81 -9.54 1.51 0.32
CA MET A 81 -8.86 0.65 1.29
C MET A 81 -7.40 1.03 1.41
N ILE A 82 -6.77 1.34 0.28
CA ILE A 82 -5.40 1.82 0.31
C ILE A 82 -5.33 3.13 1.09
N HIS A 83 -6.32 4.01 0.87
CA HIS A 83 -6.35 5.28 1.58
C HIS A 83 -6.52 5.07 3.09
N VAL A 84 -7.35 4.11 3.48
CA VAL A 84 -7.54 3.83 4.92
C VAL A 84 -6.21 3.61 5.60
N PHE A 85 -5.31 2.84 4.98
CA PHE A 85 -4.04 2.49 5.59
C PHE A 85 -2.93 3.50 5.32
N SER A 86 -3.21 4.59 4.59
CA SER A 86 -2.13 5.47 4.14
C SER A 86 -1.59 6.39 5.22
N ASP A 87 -2.20 6.44 6.41
CA ASP A 87 -1.57 7.12 7.54
C ASP A 87 -0.47 6.28 8.18
N GLY A 88 -0.26 5.07 7.69
CA GLY A 88 0.79 4.22 8.21
C GLY A 88 0.40 3.32 9.37
N VAL A 89 -0.88 3.29 9.74
CA VAL A 89 -1.36 2.50 10.86
C VAL A 89 -2.06 1.24 10.31
N THR A 90 -1.72 0.09 10.88
CA THR A 90 -2.30 -1.20 10.54
C THR A 90 -2.73 -1.87 11.83
N ASN A 91 -3.98 -2.33 11.90
CA ASN A 91 -4.41 -3.13 13.03
C ASN A 91 -5.63 -3.94 12.61
N TRP A 92 -5.97 -4.93 13.44
CA TRP A 92 -7.06 -5.84 13.11
C TRP A 92 -8.43 -5.16 13.15
N GLY A 93 -8.60 -4.09 13.90
CA GLY A 93 -9.88 -3.40 13.87
C GLY A 93 -10.16 -2.83 12.50
N ARG A 94 -9.16 -2.17 11.91
CA ARG A 94 -9.29 -1.65 10.56
C ARG A 94 -9.53 -2.76 9.56
N ILE A 95 -8.79 -3.85 9.69
CA ILE A 95 -8.88 -4.96 8.74
C ILE A 95 -10.26 -5.61 8.81
N VAL A 96 -10.77 -5.88 10.00
CA VAL A 96 -12.08 -6.54 10.05
C VAL A 96 -13.17 -5.60 9.57
N THR A 97 -12.98 -4.28 9.75
CA THR A 97 -13.95 -3.32 9.25
C THR A 97 -13.98 -3.31 7.73
N LEU A 98 -12.81 -3.39 7.09
CA LEU A 98 -12.78 -3.47 5.63
C LEU A 98 -13.46 -4.75 5.16
N ILE A 99 -13.19 -5.89 5.81
CA ILE A 99 -13.84 -7.14 5.37
C ILE A 99 -15.34 -7.06 5.59
N SER A 100 -15.78 -6.47 6.71
CA SER A 100 -17.21 -6.33 6.99
C SER A 100 -17.91 -5.46 5.95
N PHE A 101 -17.30 -4.33 5.59
CA PHE A 101 -17.88 -3.52 4.53
C PHE A 101 -17.86 -4.26 3.21
N GLY A 102 -16.86 -5.13 2.99
CA GLY A 102 -16.87 -5.98 1.80
C GLY A 102 -18.10 -6.86 1.72
N ALA A 103 -18.47 -7.51 2.83
CA ALA A 103 -19.68 -8.30 2.84
C ALA A 103 -20.91 -7.45 2.59
N PHE A 104 -20.91 -6.22 3.07
CA PHE A 104 -22.02 -5.30 2.84
C PHE A 104 -22.11 -4.96 1.35
N VAL A 105 -20.96 -4.72 0.72
CA VAL A 105 -20.97 -4.45 -0.71
C VAL A 105 -21.46 -5.69 -1.45
N ALA A 106 -21.10 -6.88 -0.95
CA ALA A 106 -21.48 -8.12 -1.63
C ALA A 106 -23.00 -8.30 -1.65
N LYS A 107 -23.66 -8.01 -0.53
CA LYS A 107 -25.12 -8.07 -0.49
C LYS A 107 -25.72 -7.02 -1.43
N HIS A 108 -25.14 -5.84 -1.47
CA HIS A 108 -25.58 -4.82 -2.42
C HIS A 108 -25.50 -5.36 -3.84
N LEU A 109 -24.38 -5.98 -4.21
CA LEU A 109 -24.24 -6.47 -5.58
C LEU A 109 -25.38 -7.41 -5.95
N LYS A 110 -25.78 -8.28 -5.02
CA LYS A 110 -26.88 -9.20 -5.27
C LYS A 110 -28.21 -8.49 -5.46
N THR A 111 -28.46 -7.37 -4.76
CA THR A 111 -29.73 -6.67 -4.96
C THR A 111 -29.84 -6.16 -6.38
N ILE A 112 -28.74 -5.64 -6.95
CA ILE A 112 -28.80 -5.10 -8.30
C ILE A 112 -28.68 -6.17 -9.37
N ASN A 113 -28.29 -7.39 -9.00
CA ASN A 113 -28.21 -8.50 -9.95
C ASN A 113 -28.01 -9.82 -9.20
N GLN A 114 -29.03 -10.69 -9.25
CA GLN A 114 -28.99 -11.95 -8.54
C GLN A 114 -27.82 -12.83 -8.95
N GLU A 115 -27.34 -12.70 -10.19
CA GLU A 115 -26.21 -13.48 -10.67
C GLU A 115 -24.86 -12.82 -10.40
N SER A 116 -24.81 -11.77 -9.59
CA SER A 116 -23.57 -11.09 -9.31
C SER A 116 -22.54 -12.04 -8.71
N CYS A 117 -21.29 -11.89 -9.17
CA CYS A 117 -20.16 -12.63 -8.64
C CYS A 117 -19.44 -11.83 -7.56
N ILE A 118 -18.96 -12.51 -6.53
CA ILE A 118 -18.23 -11.84 -5.45
C ILE A 118 -16.72 -11.96 -5.58
N GLU A 119 -16.21 -12.76 -6.53
CA GLU A 119 -14.76 -12.97 -6.60
C GLU A 119 -14.00 -11.68 -6.91
N PRO A 120 -14.40 -10.86 -7.87
CA PRO A 120 -13.65 -9.61 -8.08
C PRO A 120 -13.52 -8.78 -6.80
N LEU A 121 -14.60 -8.70 -6.02
CA LEU A 121 -14.55 -7.97 -4.76
C LEU A 121 -13.60 -8.61 -3.75
N ALA A 122 -13.75 -9.91 -3.50
CA ALA A 122 -12.90 -10.60 -2.54
C ALA A 122 -11.43 -10.52 -2.94
N GLU A 123 -11.14 -10.55 -4.24
CA GLU A 123 -9.76 -10.43 -4.71
C GLU A 123 -9.20 -9.04 -4.47
N SER A 124 -10.02 -8.00 -4.66
CA SER A 124 -9.53 -6.65 -4.44
C SER A 124 -9.23 -6.40 -2.96
N ILE A 125 -10.06 -6.93 -2.06
CA ILE A 125 -9.79 -6.82 -0.62
C ILE A 125 -8.55 -7.60 -0.27
N THR A 126 -8.48 -8.84 -0.75
CA THR A 126 -7.36 -9.71 -0.42
C THR A 126 -6.05 -9.11 -0.92
N ASP A 127 -6.07 -8.46 -2.10
CA ASP A 127 -4.88 -7.84 -2.67
C ASP A 127 -4.35 -6.73 -1.78
N VAL A 128 -5.23 -5.80 -1.39
CA VAL A 128 -4.81 -4.74 -0.49
C VAL A 128 -4.18 -5.33 0.76
N LEU A 129 -4.88 -6.28 1.40
CA LEU A 129 -4.40 -6.78 2.68
C LEU A 129 -3.12 -7.59 2.51
N VAL A 130 -3.12 -8.58 1.62
CA VAL A 130 -1.98 -9.50 1.56
C VAL A 130 -0.80 -8.85 0.87
N ARG A 131 -1.01 -8.14 -0.24
CA ARG A 131 0.12 -7.57 -0.94
C ARG A 131 0.72 -6.37 -0.19
N THR A 132 -0.13 -5.43 0.27
CA THR A 132 0.46 -4.22 0.86
C THR A 132 0.81 -4.37 2.33
N LYS A 133 0.29 -5.38 3.02
CA LYS A 133 0.62 -5.58 4.44
C LYS A 133 1.15 -6.99 4.69
N ARG A 134 1.68 -7.64 3.66
CA ARG A 134 2.22 -9.00 3.74
C ARG A 134 3.01 -9.25 5.02
N ASP A 135 4.08 -8.48 5.23
CA ASP A 135 4.98 -8.80 6.33
C ASP A 135 4.36 -8.49 7.67
N TRP A 136 3.52 -7.45 7.75
CA TRP A 136 2.77 -7.20 8.96
C TRP A 136 1.90 -8.41 9.33
N LEU A 137 1.19 -8.96 8.34
CA LEU A 137 0.37 -10.13 8.57
C LEU A 137 1.20 -11.30 9.07
N VAL A 138 2.35 -11.51 8.44
CA VAL A 138 3.24 -12.59 8.85
C VAL A 138 3.69 -12.39 10.29
N LYS A 139 4.13 -11.17 10.61
CA LYS A 139 4.58 -10.87 11.97
C LYS A 139 3.48 -11.15 12.99
N GLN A 140 2.21 -10.86 12.63
CA GLN A 140 1.10 -11.14 13.51
C GLN A 140 0.65 -12.59 13.49
N ARG A 141 1.34 -13.46 12.75
CA ARG A 141 1.00 -14.89 12.61
C ARG A 141 -0.33 -15.06 11.89
N GLY A 142 -0.55 -14.19 10.91
CA GLY A 142 -1.66 -14.36 9.99
C GLY A 142 -2.98 -14.48 10.68
N TRP A 143 -3.77 -15.45 10.22
CA TRP A 143 -5.14 -15.57 10.69
C TRP A 143 -5.21 -16.11 12.10
N ASP A 144 -4.16 -16.80 12.58
CA ASP A 144 -4.11 -17.11 14.00
C ASP A 144 -4.14 -15.84 14.84
N GLY A 145 -3.37 -14.81 14.47
CA GLY A 145 -3.40 -13.56 15.21
C GLY A 145 -4.74 -12.87 15.14
N PHE A 146 -5.42 -12.97 14.00
CA PHE A 146 -6.79 -12.49 13.87
C PHE A 146 -7.71 -13.16 14.88
N VAL A 147 -7.71 -14.49 14.91
CA VAL A 147 -8.53 -15.24 15.86
C VAL A 147 -8.19 -14.80 17.29
N GLU A 148 -6.90 -14.72 17.61
CA GLU A 148 -6.46 -14.42 18.96
C GLU A 148 -6.80 -12.98 19.35
N PHE A 149 -6.72 -12.04 18.40
CA PHE A 149 -6.97 -10.64 18.76
C PHE A 149 -8.40 -10.41 19.20
N PHE A 150 -9.36 -11.08 18.57
CA PHE A 150 -10.77 -10.92 18.94
C PHE A 150 -11.22 -11.91 20.00
N HIS A 151 -10.49 -13.02 20.15
CA HIS A 151 -10.79 -14.06 21.13
C HIS A 151 -12.27 -14.23 21.39
N VAL A 152 -13.03 -14.54 20.34
CA VAL A 152 -14.45 -14.79 20.50
C VAL A 152 -14.68 -16.02 21.38
N GLU A 153 -15.71 -15.96 22.20
CA GLU A 153 -15.98 -17.07 23.11
C GLU A 153 -16.92 -18.07 22.46
N ASP A 154 -16.80 -19.32 22.89
CA ASP A 154 -17.62 -20.41 22.39
C ASP A 154 -17.65 -20.42 20.86
N LEU A 155 -16.45 -20.51 20.30
CA LEU A 155 -16.30 -20.56 18.84
C LEU A 155 -16.91 -21.87 18.35
N GLY B 1 -10.22 20.45 -8.04
CA GLY B 1 -8.88 20.64 -8.53
C GLY B 1 -8.11 19.34 -8.67
N SER B 2 -6.79 19.44 -8.85
CA SER B 2 -5.95 18.27 -9.00
C SER B 2 -5.26 17.93 -7.67
N ASP B 3 -4.51 16.84 -7.69
CA ASP B 3 -3.83 16.31 -6.51
C ASP B 3 -2.46 16.97 -6.40
N GLU B 4 -2.38 18.02 -5.58
CA GLU B 4 -1.16 18.81 -5.52
C GLU B 4 0.01 18.04 -4.92
N LEU B 5 -0.27 17.12 -4.01
CA LEU B 5 0.81 16.34 -3.42
C LEU B 5 1.40 15.39 -4.46
N TYR B 6 0.55 14.70 -5.21
CA TYR B 6 1.05 13.85 -6.28
C TYR B 6 1.89 14.65 -7.26
N ARG B 7 1.39 15.80 -7.70
CA ARG B 7 2.09 16.63 -8.66
C ARG B 7 3.46 17.06 -8.13
N GLN B 8 3.47 17.66 -6.94
CA GLN B 8 4.74 18.10 -6.37
C GLN B 8 5.70 16.92 -6.23
N SER B 9 5.20 15.76 -5.82
CA SER B 9 6.07 14.59 -5.63
C SER B 9 6.65 14.08 -6.94
N LEU B 10 5.82 14.03 -7.98
CA LEU B 10 6.29 13.60 -9.28
C LEU B 10 7.29 14.59 -9.86
N GLU B 11 7.05 15.89 -9.68
CA GLU B 11 7.98 16.89 -10.19
C GLU B 11 9.35 16.74 -9.53
N ILE B 12 9.36 16.58 -8.21
CA ILE B 12 10.61 16.43 -7.48
C ILE B 12 11.34 15.15 -7.92
N ILE B 13 10.62 14.03 -7.96
CA ILE B 13 11.27 12.75 -8.18
C ILE B 13 11.74 12.63 -9.64
N SER B 14 10.93 13.13 -10.57
CA SER B 14 11.30 13.11 -11.98
C SER B 14 12.56 13.94 -12.22
N ARG B 15 12.61 15.14 -11.64
CA ARG B 15 13.74 16.03 -11.88
C ARG B 15 15.02 15.44 -11.31
N TYR B 16 14.93 14.81 -10.14
CA TYR B 16 16.11 14.15 -9.60
C TYR B 16 16.56 13.02 -10.52
N LEU B 17 15.62 12.17 -10.95
CA LEU B 17 15.99 11.04 -11.80
C LEU B 17 16.55 11.52 -13.14
N ARG B 18 15.98 12.60 -13.69
CA ARG B 18 16.45 13.13 -14.97
C ARG B 18 17.85 13.71 -14.84
N GLU B 19 18.09 14.54 -13.82
CA GLU B 19 19.41 15.14 -13.69
C GLU B 19 20.45 14.12 -13.28
N GLN B 20 20.06 13.09 -12.53
CA GLN B 20 21.01 12.02 -12.24
C GLN B 20 21.36 11.24 -13.50
N ALA B 21 20.37 11.00 -14.37
CA ALA B 21 20.60 10.17 -15.54
C ALA B 21 21.36 10.91 -16.63
N THR B 22 21.11 12.21 -16.79
CA THR B 22 21.77 12.98 -17.83
C THR B 22 23.05 13.67 -17.35
N GLY B 23 23.19 13.87 -16.04
CA GLY B 23 24.31 14.63 -15.52
C GLY B 23 24.18 16.12 -15.71
N ALA B 24 22.97 16.62 -15.99
CA ALA B 24 22.76 18.04 -16.21
C ALA B 24 21.58 18.51 -15.39
N LYS B 25 21.67 19.77 -14.92
CA LYS B 25 20.64 20.37 -14.09
C LYS B 25 19.59 21.06 -14.95
N ASP B 26 18.33 20.91 -14.54
CA ASP B 26 17.22 21.56 -15.24
C ASP B 26 17.07 22.98 -14.70
N THR B 27 17.36 23.96 -15.55
CA THR B 27 17.33 25.37 -15.15
C THR B 27 15.94 25.97 -15.17
N LYS B 28 14.92 25.23 -15.59
CA LYS B 28 13.58 25.78 -15.64
C LYS B 28 13.01 25.97 -14.23
N PRO B 29 12.09 26.92 -14.06
CA PRO B 29 11.49 27.12 -12.74
C PRO B 29 10.46 26.02 -12.43
N MET B 30 10.25 25.81 -11.14
CA MET B 30 9.31 24.83 -10.64
C MET B 30 7.95 25.46 -10.37
N GLY B 31 6.94 24.61 -10.21
CA GLY B 31 5.58 25.06 -10.00
C GLY B 31 5.29 25.42 -8.56
N ARG B 32 4.06 25.14 -8.12
CA ARG B 32 3.64 25.55 -6.78
C ARG B 32 4.58 24.98 -5.73
N SER B 33 4.79 25.75 -4.66
CA SER B 33 5.72 25.39 -3.58
C SER B 33 7.11 25.10 -4.14
N GLY B 34 7.54 25.90 -5.11
CA GLY B 34 8.84 25.69 -5.72
C GLY B 34 9.97 25.78 -4.72
N ALA B 35 9.86 26.67 -3.74
CA ALA B 35 10.88 26.78 -2.71
C ALA B 35 11.08 25.44 -1.99
N THR B 36 9.98 24.83 -1.55
CA THR B 36 10.05 23.50 -0.93
C THR B 36 10.64 22.50 -1.91
N SER B 37 10.10 22.45 -3.13
CA SER B 37 10.58 21.51 -4.13
C SER B 37 12.05 21.75 -4.43
N ARG B 38 12.50 23.01 -4.41
CA ARG B 38 13.91 23.27 -4.64
C ARG B 38 14.75 22.69 -3.51
N LYS B 39 14.35 22.97 -2.26
CA LYS B 39 15.09 22.45 -1.13
C LYS B 39 15.00 20.94 -1.06
N ALA B 40 13.86 20.37 -1.47
CA ALA B 40 13.72 18.92 -1.54
C ALA B 40 14.72 18.34 -2.54
N LEU B 41 14.71 18.87 -3.76
CA LEU B 41 15.69 18.46 -4.76
C LEU B 41 17.11 18.61 -4.22
N GLU B 42 17.41 19.77 -3.63
CA GLU B 42 18.72 19.97 -3.03
C GLU B 42 19.03 18.89 -2.01
N THR B 43 18.06 18.57 -1.15
CA THR B 43 18.26 17.53 -0.16
C THR B 43 18.45 16.17 -0.83
N LEU B 44 17.68 15.88 -1.88
CA LEU B 44 17.87 14.63 -2.60
C LEU B 44 19.26 14.54 -3.20
N ARG B 45 19.79 15.66 -3.71
CA ARG B 45 21.12 15.60 -4.31
C ARG B 45 22.15 15.20 -3.25
N ARG B 46 22.11 15.85 -2.08
CA ARG B 46 23.09 15.58 -1.04
C ARG B 46 22.88 14.19 -0.46
N VAL B 47 21.65 13.88 -0.03
CA VAL B 47 21.38 12.62 0.65
C VAL B 47 21.39 11.46 -0.34
N GLY B 48 20.75 11.64 -1.50
CA GLY B 48 20.63 10.55 -2.46
C GLY B 48 21.95 10.16 -3.09
N ASP B 49 22.83 11.13 -3.32
CA ASP B 49 24.15 10.79 -3.86
C ASP B 49 24.94 9.97 -2.85
N GLY B 50 24.81 10.29 -1.57
CA GLY B 50 25.53 9.55 -0.55
C GLY B 50 25.01 8.15 -0.38
N VAL B 51 23.69 7.97 -0.52
CA VAL B 51 23.12 6.64 -0.47
C VAL B 51 23.67 5.79 -1.61
N GLN B 52 23.55 6.30 -2.83
CA GLN B 52 24.08 5.57 -3.99
C GLN B 52 25.58 5.33 -3.84
N ARG B 53 26.30 6.33 -3.31
CA ARG B 53 27.74 6.16 -3.20
C ARG B 53 28.09 5.09 -2.18
N ASN B 54 27.49 5.15 -0.99
CA ASN B 54 27.84 4.24 0.09
C ASN B 54 27.27 2.83 -0.06
N HIS B 55 26.28 2.63 -0.93
CA HIS B 55 25.68 1.31 -1.11
C HIS B 55 25.73 0.89 -2.57
N GLU B 56 26.78 1.29 -3.29
CA GLU B 56 26.83 1.01 -4.72
C GLU B 56 26.80 -0.49 -4.98
N THR B 57 27.53 -1.26 -4.17
CA THR B 57 27.63 -2.70 -4.42
C THR B 57 26.28 -3.36 -4.23
N ALA B 58 25.54 -2.96 -3.19
CA ALA B 58 24.19 -3.49 -2.99
C ALA B 58 23.28 -3.07 -4.13
N PHE B 59 23.35 -1.81 -4.54
CA PHE B 59 22.50 -1.32 -5.63
C PHE B 59 22.79 -2.06 -6.94
N GLN B 60 24.06 -2.27 -7.27
CA GLN B 60 24.40 -3.06 -8.45
C GLN B 60 23.77 -4.44 -8.36
N GLY B 61 23.92 -5.11 -7.22
CA GLY B 61 23.34 -6.43 -7.05
C GLY B 61 21.83 -6.46 -7.19
N MET B 62 21.15 -5.45 -6.67
CA MET B 62 19.68 -5.42 -6.76
C MET B 62 19.24 -5.13 -8.19
N LEU B 63 19.95 -4.23 -8.87
CA LEU B 63 19.69 -4.02 -10.29
C LEU B 63 19.85 -5.32 -11.06
N ARG B 64 20.89 -6.10 -10.75
CA ARG B 64 21.10 -7.37 -11.44
C ARG B 64 19.96 -8.33 -11.16
N LYS B 65 19.53 -8.41 -9.89
CA LYS B 65 18.46 -9.33 -9.52
C LYS B 65 17.15 -8.98 -10.21
N LEU B 66 16.87 -7.69 -10.37
CA LEU B 66 15.62 -7.28 -11.02
C LEU B 66 15.73 -7.29 -12.53
N ASP B 67 16.94 -7.15 -13.07
CA ASP B 67 17.19 -7.30 -14.50
C ASP B 67 16.25 -6.40 -15.29
N ILE B 68 16.21 -5.12 -14.92
CA ILE B 68 15.37 -4.17 -15.62
C ILE B 68 15.94 -3.95 -17.02
N LYS B 69 15.09 -4.07 -18.03
CA LYS B 69 15.59 -4.09 -19.41
C LYS B 69 15.33 -2.80 -20.18
N ASN B 70 14.44 -1.93 -19.73
CA ASN B 70 14.15 -0.71 -20.48
C ASN B 70 13.31 0.25 -19.63
N GLU B 71 12.99 1.40 -20.21
CA GLU B 71 12.31 2.47 -19.49
C GLU B 71 10.93 2.06 -19.00
N ASP B 72 10.32 1.05 -19.60
CA ASP B 72 8.97 0.62 -19.26
C ASP B 72 8.91 -0.57 -18.30
N ASP B 73 10.06 -1.16 -17.98
CA ASP B 73 10.11 -2.39 -17.18
C ASP B 73 10.14 -2.04 -15.68
N VAL B 74 9.00 -1.57 -15.17
CA VAL B 74 8.93 -1.02 -13.82
C VAL B 74 8.00 -1.79 -12.90
N LYS B 75 7.35 -2.85 -13.37
CA LYS B 75 6.36 -3.54 -12.55
C LYS B 75 7.01 -4.28 -11.39
N SER B 76 8.17 -4.89 -11.61
CA SER B 76 8.83 -5.58 -10.51
C SER B 76 9.30 -4.57 -9.48
N LEU B 77 9.74 -3.39 -9.91
CA LEU B 77 10.18 -2.39 -8.95
C LEU B 77 9.02 -1.88 -8.11
N SER B 78 7.86 -1.71 -8.75
CA SER B 78 6.66 -1.31 -8.02
C SER B 78 6.30 -2.35 -6.96
N ARG B 79 6.30 -3.63 -7.33
CA ARG B 79 5.99 -4.69 -6.37
C ARG B 79 7.03 -4.72 -5.25
N VAL B 80 8.30 -4.50 -5.59
CA VAL B 80 9.35 -4.47 -4.57
C VAL B 80 9.08 -3.36 -3.55
N MET B 81 8.74 -2.17 -4.05
CA MET B 81 8.54 -1.02 -3.18
C MET B 81 7.33 -1.20 -2.29
N ILE B 82 6.27 -1.84 -2.81
CA ILE B 82 5.11 -2.19 -1.99
C ILE B 82 5.54 -3.18 -0.92
N HIS B 83 6.36 -4.16 -1.29
CA HIS B 83 6.83 -5.14 -0.32
C HIS B 83 7.65 -4.49 0.78
N VAL B 84 8.50 -3.51 0.43
CA VAL B 84 9.33 -2.84 1.41
C VAL B 84 8.48 -2.28 2.55
N PHE B 85 7.35 -1.68 2.20
CA PHE B 85 6.48 -1.09 3.20
C PHE B 85 5.50 -2.09 3.80
N SER B 86 5.55 -3.36 3.42
CA SER B 86 4.49 -4.26 3.83
C SER B 86 4.60 -4.68 5.29
N ASP B 87 5.70 -4.35 5.98
CA ASP B 87 5.75 -4.58 7.41
C ASP B 87 5.02 -3.48 8.19
N GLY B 88 4.48 -2.48 7.51
CA GLY B 88 3.75 -1.42 8.16
C GLY B 88 4.60 -0.27 8.67
N VAL B 89 5.91 -0.33 8.49
CA VAL B 89 6.80 0.72 8.97
C VAL B 89 7.04 1.74 7.86
N THR B 90 6.89 3.03 8.21
CA THR B 90 7.11 4.15 7.31
C THR B 90 8.09 5.13 7.94
N ASN B 91 9.15 5.47 7.21
CA ASN B 91 10.03 6.56 7.62
C ASN B 91 10.78 7.11 6.41
N TRP B 92 11.42 8.25 6.64
CA TRP B 92 12.06 8.96 5.54
C TRP B 92 13.32 8.26 5.05
N GLY B 93 13.97 7.47 5.90
CA GLY B 93 15.12 6.71 5.45
C GLY B 93 14.77 5.71 4.37
N ARG B 94 13.66 5.00 4.55
CA ARG B 94 13.20 4.06 3.53
C ARG B 94 12.80 4.79 2.26
N ILE B 95 12.12 5.93 2.42
CA ILE B 95 11.63 6.65 1.26
C ILE B 95 12.79 7.15 0.41
N VAL B 96 13.78 7.79 1.05
CA VAL B 96 14.90 8.31 0.27
C VAL B 96 15.71 7.17 -0.34
N THR B 97 15.78 6.03 0.33
CA THR B 97 16.50 4.88 -0.21
C THR B 97 15.85 4.39 -1.49
N LEU B 98 14.52 4.41 -1.55
CA LEU B 98 13.80 4.00 -2.75
C LEU B 98 13.97 5.00 -3.89
N ILE B 99 13.94 6.31 -3.58
CA ILE B 99 14.19 7.31 -4.63
C ILE B 99 15.62 7.21 -5.13
N SER B 100 16.57 6.98 -4.22
CA SER B 100 17.98 6.84 -4.61
C SER B 100 18.19 5.61 -5.49
N PHE B 101 17.61 4.47 -5.10
CA PHE B 101 17.73 3.30 -5.97
C PHE B 101 17.09 3.58 -7.34
N GLY B 102 15.99 4.32 -7.34
CA GLY B 102 15.37 4.68 -8.61
C GLY B 102 16.29 5.51 -9.50
N ALA B 103 17.03 6.45 -8.91
CA ALA B 103 18.01 7.20 -9.67
C ALA B 103 19.13 6.31 -10.19
N PHE B 104 19.58 5.33 -9.38
CA PHE B 104 20.59 4.39 -9.83
C PHE B 104 20.11 3.59 -11.03
N VAL B 105 18.87 3.12 -11.01
CA VAL B 105 18.30 2.43 -12.15
C VAL B 105 18.22 3.37 -13.35
N ALA B 106 17.73 4.58 -13.13
CA ALA B 106 17.68 5.57 -14.21
C ALA B 106 19.05 5.77 -14.84
N LYS B 107 20.10 5.90 -14.03
CA LYS B 107 21.43 6.10 -14.59
C LYS B 107 21.79 4.95 -15.53
N HIS B 108 21.49 3.72 -15.12
CA HIS B 108 21.81 2.56 -15.94
C HIS B 108 21.11 2.62 -17.29
N LEU B 109 19.79 2.85 -17.29
CA LEU B 109 19.06 2.90 -18.55
C LEU B 109 19.64 3.94 -19.49
N LYS B 110 20.07 5.09 -18.96
CA LYS B 110 20.52 6.17 -19.82
C LYS B 110 21.87 5.86 -20.47
N THR B 111 22.81 5.28 -19.71
CA THR B 111 24.11 4.94 -20.28
C THR B 111 23.96 3.91 -21.38
N ILE B 112 23.03 2.97 -21.21
CA ILE B 112 22.79 1.95 -22.22
C ILE B 112 22.03 2.54 -23.40
N ASN B 113 20.85 3.09 -23.13
CA ASN B 113 19.98 3.67 -24.16
C ASN B 113 19.92 5.17 -23.91
N GLN B 114 20.55 5.95 -24.78
CA GLN B 114 20.64 7.39 -24.58
C GLN B 114 19.28 8.07 -24.66
N GLU B 115 18.28 7.41 -25.23
CA GLU B 115 16.95 7.98 -25.41
C GLU B 115 15.95 7.49 -24.36
N SER B 116 16.40 6.71 -23.37
CA SER B 116 15.50 6.19 -22.36
C SER B 116 14.82 7.33 -21.61
N CYS B 117 13.53 7.16 -21.33
CA CYS B 117 12.75 8.15 -20.59
C CYS B 117 12.57 7.70 -19.15
N ILE B 118 12.69 8.64 -18.21
CA ILE B 118 12.59 8.31 -16.80
C ILE B 118 11.17 8.45 -16.25
N GLU B 119 10.21 8.91 -17.05
CA GLU B 119 8.88 9.19 -16.52
C GLU B 119 8.19 7.94 -16.01
N PRO B 120 8.10 6.84 -16.76
CA PRO B 120 7.45 5.64 -16.21
C PRO B 120 8.07 5.20 -14.89
N LEU B 121 9.38 5.40 -14.72
CA LEU B 121 10.03 5.04 -13.47
C LEU B 121 9.65 6.00 -12.34
N ALA B 122 9.66 7.30 -12.62
CA ALA B 122 9.30 8.31 -11.63
C ALA B 122 7.83 8.22 -11.24
N GLU B 123 6.96 7.94 -12.20
CA GLU B 123 5.55 7.69 -11.88
C GLU B 123 5.39 6.44 -11.05
N SER B 124 6.15 5.39 -11.34
CA SER B 124 6.09 4.16 -10.55
C SER B 124 6.42 4.43 -9.09
N ILE B 125 7.53 5.13 -8.83
CA ILE B 125 7.92 5.46 -7.46
C ILE B 125 6.90 6.38 -6.82
N THR B 126 6.45 7.41 -7.56
CA THR B 126 5.52 8.38 -7.01
C THR B 126 4.20 7.72 -6.62
N ASP B 127 3.70 6.80 -7.44
CA ASP B 127 2.43 6.13 -7.15
C ASP B 127 2.49 5.39 -5.82
N VAL B 128 3.54 4.58 -5.63
CA VAL B 128 3.67 3.86 -4.37
C VAL B 128 3.68 4.83 -3.21
N LEU B 129 4.55 5.84 -3.26
CA LEU B 129 4.70 6.75 -2.13
C LEU B 129 3.42 7.52 -1.86
N VAL B 130 2.90 8.22 -2.86
CA VAL B 130 1.79 9.12 -2.61
C VAL B 130 0.52 8.35 -2.28
N ARG B 131 0.19 7.35 -3.10
CA ARG B 131 -1.07 6.65 -2.90
C ARG B 131 -1.07 5.86 -1.60
N THR B 132 -0.01 5.11 -1.34
CA THR B 132 -0.06 4.20 -0.22
C THR B 132 0.32 4.87 1.10
N LYS B 133 0.95 6.06 1.06
CA LYS B 133 1.34 6.75 2.29
C LYS B 133 0.88 8.20 2.29
N ARG B 134 -0.19 8.50 1.56
CA ARG B 134 -0.68 9.87 1.44
C ARG B 134 -0.82 10.54 2.80
N ASP B 135 -1.64 9.98 3.69
CA ASP B 135 -1.93 10.67 4.94
C ASP B 135 -0.69 10.78 5.81
N TRP B 136 0.16 9.75 5.80
CA TRP B 136 1.43 9.85 6.52
C TRP B 136 2.25 11.03 6.02
N LEU B 137 2.37 11.18 4.70
CA LEU B 137 3.08 12.32 4.12
C LEU B 137 2.49 13.65 4.58
N VAL B 138 1.17 13.79 4.47
CA VAL B 138 0.52 15.04 4.85
C VAL B 138 0.82 15.37 6.31
N LYS B 139 0.71 14.37 7.18
CA LYS B 139 0.97 14.59 8.61
C LYS B 139 2.39 15.08 8.85
N GLN B 140 3.34 14.64 8.02
CA GLN B 140 4.74 15.05 8.15
C GLN B 140 5.04 16.39 7.50
N ARG B 141 4.03 17.06 6.93
CA ARG B 141 4.19 18.28 6.15
C ARG B 141 4.89 18.01 4.81
N GLY B 142 4.69 16.81 4.27
CA GLY B 142 5.09 16.50 2.91
C GLY B 142 6.57 16.69 2.70
N TRP B 143 6.91 17.31 1.59
CA TRP B 143 8.32 17.54 1.29
C TRP B 143 8.97 18.52 2.23
N ASP B 144 8.21 19.33 2.98
CA ASP B 144 8.84 20.11 4.03
C ASP B 144 9.34 19.22 5.15
N GLY B 145 8.60 18.16 5.48
CA GLY B 145 9.08 17.21 6.48
C GLY B 145 10.29 16.43 6.01
N PHE B 146 10.30 16.03 4.74
CA PHE B 146 11.48 15.41 4.14
C PHE B 146 12.72 16.30 4.31
N VAL B 147 12.58 17.57 3.90
CA VAL B 147 13.69 18.52 4.06
C VAL B 147 14.13 18.59 5.51
N GLU B 148 13.17 18.82 6.42
CA GLU B 148 13.48 18.92 7.83
C GLU B 148 14.19 17.66 8.33
N PHE B 149 13.73 16.47 7.91
CA PHE B 149 14.28 15.24 8.48
C PHE B 149 15.78 15.14 8.25
N PHE B 150 16.23 15.48 7.04
CA PHE B 150 17.63 15.39 6.66
C PHE B 150 18.38 16.72 6.78
N HIS B 151 17.79 17.75 7.38
CA HIS B 151 18.43 19.05 7.31
C HIS B 151 19.62 19.13 8.26
N VAL B 152 20.61 19.93 7.89
CA VAL B 152 21.74 20.26 8.75
C VAL B 152 21.68 21.76 9.07
N GLU B 153 22.04 22.11 10.29
CA GLU B 153 21.93 23.51 10.71
C GLU B 153 22.87 24.41 9.91
N ASP B 154 22.29 25.29 9.08
CA ASP B 154 23.07 26.16 8.22
C ASP B 154 24.15 25.38 7.44
N ALA C 2 -10.28 11.75 -5.16
CA ALA C 2 -11.75 11.99 -5.19
C ALA C 2 -12.28 12.30 -3.79
N PRO C 3 -13.06 13.38 -3.66
CA PRO C 3 -13.48 13.81 -2.31
C PRO C 3 -14.38 12.80 -1.62
N LYS C 4 -15.23 12.09 -2.37
CA LYS C 4 -16.12 11.13 -1.72
C LYS C 4 -15.33 9.92 -1.25
N GLU C 5 -14.30 9.51 -2.02
CA GLU C 5 -13.50 8.36 -1.62
C GLU C 5 -12.78 8.65 -0.30
N LYS C 6 -12.33 9.89 -0.10
CA LYS C 6 -11.67 10.22 1.15
C LYS C 6 -12.65 10.20 2.31
N GLU C 7 -13.87 10.69 2.10
CA GLU C 7 -14.86 10.66 3.16
C GLU C 7 -15.16 9.22 3.59
N VAL C 8 -15.28 8.31 2.61
CA VAL C 8 -15.52 6.90 2.91
C VAL C 8 -14.34 6.32 3.68
N ALA C 9 -13.13 6.57 3.19
CA ALA C 9 -11.93 6.09 3.88
C ALA C 9 -11.88 6.60 5.32
N GLU C 10 -12.11 7.90 5.53
CA GLU C 10 -12.08 8.43 6.89
C GLU C 10 -13.11 7.74 7.78
N THR C 11 -14.30 7.45 7.23
CA THR C 11 -15.34 6.80 8.03
C THR C 11 -14.95 5.36 8.37
N LEU C 12 -14.43 4.61 7.38
CA LEU C 12 -14.00 3.24 7.67
C LEU C 12 -12.85 3.22 8.66
N ARG C 13 -11.92 4.15 8.53
CA ARG C 13 -10.80 4.23 9.48
C ARG C 13 -11.29 4.52 10.89
N LYS C 14 -12.27 5.42 11.04
CA LYS C 14 -12.80 5.76 12.36
C LYS C 14 -13.46 4.55 13.02
N ILE C 15 -14.32 3.86 12.29
CA ILE C 15 -14.94 2.63 12.78
C ILE C 15 -13.86 1.61 13.15
N GLY C 16 -12.89 1.42 12.26
CA GLY C 16 -11.82 0.47 12.52
C GLY C 16 -11.03 0.78 13.78
N GLU C 17 -10.75 2.07 14.03
CA GLU C 17 -10.02 2.42 15.25
C GLU C 17 -10.88 2.18 16.47
N GLU C 18 -12.18 2.45 16.34
CA GLU C 18 -13.14 2.20 17.41
C GLU C 18 -13.13 0.73 17.82
N ILE C 19 -13.14 -0.16 16.84
CA ILE C 19 -13.10 -1.60 17.14
C ILE C 19 -11.74 -1.96 17.72
N ASN C 20 -10.66 -1.36 17.20
CA ASN C 20 -9.34 -1.72 17.69
C ASN C 20 -9.15 -1.25 19.13
N GLU C 21 -9.56 -0.02 19.46
CA GLU C 21 -9.46 0.45 20.83
C GLU C 21 -10.26 -0.42 21.80
N ALA C 22 -11.42 -0.92 21.35
CA ALA C 22 -12.26 -1.73 22.24
C ALA C 22 -11.61 -3.04 22.63
N LEU C 23 -10.87 -3.68 21.72
CA LEU C 23 -10.24 -4.97 21.97
C LEU C 23 -8.76 -4.86 22.34
N LYS C 24 -8.16 -3.69 22.19
CA LYS C 24 -6.78 -3.44 22.54
C LYS C 24 -6.57 -3.75 24.01
N ALA D 2 7.64 -13.30 -5.79
CA ALA D 2 8.91 -13.86 -6.35
C ALA D 2 10.00 -13.85 -5.28
N PRO D 3 10.93 -14.79 -5.38
CA PRO D 3 12.02 -14.85 -4.38
C PRO D 3 13.05 -13.75 -4.55
N LYS D 4 13.45 -13.45 -5.78
CA LYS D 4 14.42 -12.38 -6.00
C LYS D 4 13.86 -11.04 -5.55
N GLU D 5 12.57 -10.80 -5.79
CA GLU D 5 11.97 -9.51 -5.46
C GLU D 5 11.91 -9.33 -3.95
N LYS D 6 11.65 -10.41 -3.21
CA LYS D 6 11.70 -10.34 -1.76
C LYS D 6 13.11 -10.02 -1.27
N GLU D 7 14.13 -10.60 -1.92
CA GLU D 7 15.50 -10.33 -1.50
C GLU D 7 15.83 -8.86 -1.72
N VAL D 8 15.43 -8.31 -2.87
CA VAL D 8 15.69 -6.91 -3.14
C VAL D 8 14.99 -6.02 -2.11
N ALA D 9 13.76 -6.35 -1.75
CA ALA D 9 13.01 -5.52 -0.82
C ALA D 9 13.63 -5.56 0.57
N GLU D 10 14.03 -6.75 1.02
CA GLU D 10 14.73 -6.89 2.30
C GLU D 10 15.97 -6.02 2.33
N THR D 11 16.75 -6.03 1.25
CA THR D 11 17.95 -5.19 1.18
C THR D 11 17.60 -3.72 1.23
N LEU D 12 16.60 -3.28 0.45
CA LEU D 12 16.23 -1.87 0.46
C LEU D 12 15.74 -1.46 1.85
N ARG D 13 14.96 -2.32 2.48
CA ARG D 13 14.46 -2.04 3.81
C ARG D 13 15.61 -1.87 4.79
N LYS D 14 16.57 -2.81 4.77
CA LYS D 14 17.67 -2.74 5.72
C LYS D 14 18.49 -1.47 5.51
N ILE D 15 18.74 -1.12 4.25
CA ILE D 15 19.43 0.12 3.93
C ILE D 15 18.63 1.31 4.42
N GLY D 16 17.32 1.32 4.15
CA GLY D 16 16.48 2.39 4.65
C GLY D 16 16.54 2.54 6.15
N GLU D 17 16.49 1.42 6.87
CA GLU D 17 16.51 1.51 8.33
C GLU D 17 17.85 2.06 8.83
N GLU D 18 18.95 1.68 8.18
CA GLU D 18 20.27 2.22 8.54
C GLU D 18 20.29 3.74 8.41
N ILE D 19 19.81 4.25 7.27
CA ILE D 19 19.75 5.69 7.05
C ILE D 19 18.83 6.34 8.09
N ASN D 20 17.70 5.71 8.39
CA ASN D 20 16.77 6.31 9.33
C ASN D 20 17.36 6.33 10.74
N GLU D 21 17.98 5.22 11.17
CA GLU D 21 18.54 5.17 12.52
C GLU D 21 19.66 6.18 12.69
N ALA D 22 20.50 6.34 11.67
CA ALA D 22 21.62 7.27 11.77
C ALA D 22 21.17 8.71 11.95
N LEU D 23 19.99 9.06 11.42
CA LEU D 23 19.48 10.42 11.53
C LEU D 23 18.54 10.61 12.71
N LYS D 24 18.23 9.54 13.42
CA LYS D 24 17.45 9.62 14.66
C LYS D 24 18.39 9.96 15.81
ZN ZN E . 8.16 -10.33 2.98
ZN ZN F . -18.63 1.51 16.43
ZN ZN F . -19.29 0.00 16.61
ZN ZN G . -6.48 11.04 3.60
ZN ZN H . -12.58 -12.97 24.39
ZN ZN I . 20.99 -3.34 -18.12
ZN ZN J . 18.76 -8.83 -18.83
#